data_3OQP
#
_entry.id   3OQP
#
_cell.length_a   37.369
_cell.length_b   103.135
_cell.length_c   45.062
_cell.angle_alpha   90.000
_cell.angle_beta   98.940
_cell.angle_gamma   90.000
#
_symmetry.space_group_name_H-M   'P 1 21 1'
#
loop_
_entity.id
_entity.type
_entity.pdbx_description
1 polymer 'Putative isochorismatase'
2 non-polymer 'TETRAETHYLENE GLYCOL'
3 non-polymer 'CHLORIDE ION'
4 water water
#
_entity_poly.entity_id   1
_entity_poly.type   'polypeptide(L)'
_entity_poly.pdbx_seq_one_letter_code
;G(MSE)TTPRRALIVIDVQNEYVTGDLPIEYPDVQSSLANIARA(MSE)DAARAAGVPVVIVQNFAPAGSPLFARGSNGA
ELHPVVSERARDHYVEKSLPSAFTGTDLAGWLAARQIDTLTVTGY(MSE)THN(CSD)DASTINHAVHSGLAVEFLHDAT
GSVPYENSAGFASAEEIHRVFSVVLQSRFAAVASTDEWIAAVQGGTPLARGNIYASNQKARARRATA
;
_entity_poly.pdbx_strand_id   A,B
#
# COMPACT_ATOMS: atom_id res chain seq x y z
N THR A 3 -6.87 -24.43 13.43
CA THR A 3 -5.74 -24.10 14.32
C THR A 3 -5.96 -22.73 14.95
N THR A 4 -5.69 -22.60 16.23
CA THR A 4 -5.79 -21.31 16.91
C THR A 4 -4.81 -20.29 16.31
N PRO A 5 -5.25 -19.07 15.95
CA PRO A 5 -4.23 -18.09 15.51
C PRO A 5 -3.14 -17.91 16.54
N ARG A 6 -1.89 -17.81 16.05
CA ARG A 6 -0.71 -17.52 16.86
C ARG A 6 -0.24 -16.12 16.48
N ARG A 7 -0.71 -15.15 17.24
CA ARG A 7 -0.64 -13.74 16.92
C ARG A 7 0.60 -13.12 17.58
N ALA A 8 1.15 -12.13 16.90
CA ALA A 8 2.07 -11.16 17.50
C ALA A 8 1.38 -9.79 17.28
N LEU A 9 1.40 -8.95 18.29
CA LEU A 9 0.96 -7.58 18.15
C LEU A 9 2.18 -6.69 17.84
N ILE A 10 2.14 -5.98 16.70
CA ILE A 10 3.23 -5.04 16.38
C ILE A 10 2.68 -3.63 16.51
N VAL A 11 3.40 -2.79 17.23
CA VAL A 11 3.00 -1.45 17.58
C VAL A 11 3.93 -0.53 16.83
N ILE A 12 3.52 0.04 15.70
CA ILE A 12 4.39 0.70 14.73
C ILE A 12 4.46 2.18 14.98
N ASP A 13 5.66 2.64 15.29
CA ASP A 13 6.01 4.07 15.30
C ASP A 13 5.07 4.93 16.13
N VAL A 14 4.79 4.49 17.35
CA VAL A 14 3.98 5.25 18.27
C VAL A 14 4.85 6.20 19.03
N GLN A 15 5.15 7.28 18.31
CA GLN A 15 6.13 8.28 18.67
C GLN A 15 5.55 9.66 18.78
N ASN A 16 6.20 10.52 19.58
CA ASN A 16 5.65 11.81 19.90
C ASN A 16 5.42 12.71 18.71
N GLU A 17 6.11 12.52 17.60
CA GLU A 17 5.97 13.31 16.41
C GLU A 17 4.53 13.33 15.94
N TYR A 18 3.85 12.18 16.09
CA TYR A 18 2.48 11.98 15.68
C TYR A 18 1.43 12.60 16.62
N VAL A 19 1.82 12.99 17.80
CA VAL A 19 0.93 13.41 18.85
C VAL A 19 1.16 14.87 19.20
N THR A 20 2.32 15.15 19.77
CA THR A 20 2.71 16.51 20.17
C THR A 20 3.59 17.20 19.17
N GLY A 21 4.08 16.47 18.15
CA GLY A 21 5.02 17.00 17.20
C GLY A 21 4.45 17.49 15.91
N ASP A 22 5.24 17.45 14.83
N ASP A 22 5.23 17.38 14.84
CA ASP A 22 4.85 18.12 13.59
CA ASP A 22 4.99 18.10 13.60
C ASP A 22 4.31 17.24 12.49
C ASP A 22 4.39 17.23 12.49
N LEU A 23 3.88 16.04 12.84
CA LEU A 23 3.11 15.21 11.90
C LEU A 23 1.86 14.71 12.59
N PRO A 24 0.93 15.62 12.89
CA PRO A 24 -0.10 15.21 13.81
C PRO A 24 -1.16 14.34 13.18
N ILE A 25 -1.36 13.18 13.77
CA ILE A 25 -2.45 12.29 13.33
C ILE A 25 -3.81 13.00 13.46
N GLU A 26 -4.64 12.90 12.42
CA GLU A 26 -5.97 13.56 12.41
C GLU A 26 -7.13 12.59 12.33
N TYR A 27 -7.01 11.35 11.90
CA TYR A 27 -8.16 10.46 11.87
C TYR A 27 -7.69 9.02 11.91
N PRO A 28 -8.28 8.20 12.78
CA PRO A 28 -9.17 8.56 13.88
C PRO A 28 -8.48 9.56 14.81
N ASP A 29 -9.27 10.12 15.72
CA ASP A 29 -8.73 10.99 16.76
C ASP A 29 -7.53 10.32 17.45
N VAL A 30 -6.46 11.06 17.64
CA VAL A 30 -5.27 10.44 18.11
C VAL A 30 -5.35 10.01 19.55
N GLN A 31 -6.08 10.74 20.39
CA GLN A 31 -6.23 10.28 21.75
C GLN A 31 -6.99 8.99 21.84
N SER A 32 -7.95 8.80 20.94
N SER A 32 -7.96 8.85 20.96
CA SER A 32 -8.74 7.55 20.92
CA SER A 32 -8.74 7.63 20.91
C SER A 32 -7.91 6.36 20.44
C SER A 32 -7.81 6.45 20.55
N SER A 33 -7.08 6.60 19.44
CA SER A 33 -6.19 5.51 18.99
C SER A 33 -5.08 5.19 19.97
N LEU A 34 -4.52 6.21 20.61
CA LEU A 34 -3.51 5.93 21.64
C LEU A 34 -4.09 5.05 22.74
N ALA A 35 -5.33 5.37 23.16
CA ALA A 35 -5.96 4.58 24.20
C ALA A 35 -6.18 3.12 23.76
N ASN A 36 -6.53 2.93 22.49
CA ASN A 36 -6.75 1.58 22.01
C ASN A 36 -5.51 0.78 21.82
N ILE A 37 -4.44 1.46 21.44
CA ILE A 37 -3.06 0.86 21.37
C ILE A 37 -2.74 0.33 22.75
N ALA A 38 -2.94 1.16 23.78
CA ALA A 38 -2.61 0.75 25.15
C ALA A 38 -3.45 -0.47 25.56
N ARG A 39 -4.75 -0.46 25.25
CA ARG A 39 -5.62 -1.61 25.58
C ARG A 39 -5.13 -2.85 24.87
N ALA A 40 -4.78 -2.70 23.59
CA ALA A 40 -4.31 -3.86 22.84
C ALA A 40 -3.01 -4.43 23.43
N ASP A 42 -2.05 -4.12 26.62
CA ASP A 42 -2.35 -4.71 27.92
C ASP A 42 -3.04 -6.05 27.76
N ALA A 43 -3.94 -6.12 26.80
CA ALA A 43 -4.63 -7.36 26.51
C ALA A 43 -3.65 -8.41 26.00
N ALA A 44 -2.75 -8.00 25.11
CA ALA A 44 -1.74 -8.93 24.55
C ALA A 44 -0.90 -9.50 25.68
N ARG A 45 -0.43 -8.65 26.59
CA ARG A 45 0.47 -9.10 27.67
C ARG A 45 -0.28 -10.13 28.54
N ALA A 46 -1.57 -9.87 28.81
CA ALA A 46 -2.37 -10.76 29.67
C ALA A 46 -2.61 -12.12 29.00
N ALA A 47 -2.68 -12.13 27.67
CA ALA A 47 -2.98 -13.31 26.89
C ALA A 47 -1.74 -14.02 26.35
N GLY A 48 -0.55 -13.49 26.60
CA GLY A 48 0.64 -14.14 26.11
C GLY A 48 0.88 -13.95 24.62
N VAL A 49 0.29 -12.92 24.03
CA VAL A 49 0.57 -12.51 22.66
C VAL A 49 1.84 -11.66 22.67
N PRO A 50 2.91 -12.07 21.95
CA PRO A 50 4.11 -11.25 21.96
C PRO A 50 3.83 -9.86 21.40
N VAL A 51 4.44 -8.87 22.01
CA VAL A 51 4.31 -7.50 21.66
C VAL A 51 5.62 -6.98 21.11
N VAL A 52 5.62 -6.46 19.89
CA VAL A 52 6.83 -5.95 19.19
C VAL A 52 6.68 -4.47 18.99
N ILE A 53 7.61 -3.68 19.49
CA ILE A 53 7.62 -2.24 19.31
C ILE A 53 8.58 -1.89 18.15
N VAL A 54 8.12 -0.98 17.29
CA VAL A 54 8.89 -0.48 16.15
C VAL A 54 9.08 1.03 16.39
N GLN A 55 10.31 1.52 16.19
CA GLN A 55 10.62 2.92 16.30
C GLN A 55 11.31 3.36 15.01
N ASN A 56 10.85 4.47 14.44
CA ASN A 56 11.32 4.98 13.17
C ASN A 56 12.26 6.16 13.42
N PHE A 57 13.48 6.12 12.86
CA PHE A 57 14.36 7.24 12.96
C PHE A 57 14.78 7.79 11.60
N ALA A 58 14.94 9.12 11.58
CA ALA A 58 15.61 9.85 10.51
C ALA A 58 16.86 10.47 11.17
N PRO A 59 17.81 10.93 10.33
CA PRO A 59 19.01 11.55 10.92
C PRO A 59 18.74 12.73 11.86
N ALA A 60 19.68 12.98 12.80
CA ALA A 60 19.63 14.17 13.66
C ALA A 60 19.49 15.41 12.78
N GLY A 61 18.72 16.38 13.24
CA GLY A 61 18.43 17.59 12.42
C GLY A 61 17.32 17.52 11.36
N SER A 62 16.84 16.29 11.10
CA SER A 62 15.77 16.08 10.11
C SER A 62 14.53 16.78 10.62
N PRO A 63 13.62 17.14 9.73
CA PRO A 63 12.47 17.85 10.25
C PRO A 63 11.49 16.99 11.08
N LEU A 64 11.53 15.67 10.84
CA LEU A 64 10.65 14.72 11.51
C LEU A 64 11.40 13.48 11.92
N PHE A 65 11.07 12.94 13.08
CA PHE A 65 11.66 11.69 13.59
C PHE A 65 13.16 11.77 13.76
N ALA A 66 13.66 12.98 14.02
CA ALA A 66 15.13 13.14 14.10
C ALA A 66 15.69 12.48 15.33
N ARG A 67 16.68 11.64 15.13
N ARG A 67 16.67 11.61 15.14
CA ARG A 67 17.46 11.10 16.25
CA ARG A 67 17.30 10.96 16.29
C ARG A 67 17.79 12.15 17.33
C ARG A 67 17.83 12.02 17.30
N GLY A 68 17.49 11.81 18.57
CA GLY A 68 17.83 12.72 19.67
C GLY A 68 16.76 13.76 20.01
N SER A 69 15.71 13.82 19.19
CA SER A 69 14.64 14.80 19.34
C SER A 69 13.49 14.19 20.14
N ASN A 70 12.71 15.06 20.77
CA ASN A 70 11.48 14.63 21.46
C ASN A 70 10.55 13.91 20.50
N GLY A 71 10.44 14.42 19.29
CA GLY A 71 9.48 13.82 18.36
C GLY A 71 9.79 12.36 18.03
N ALA A 72 11.07 12.00 18.05
CA ALA A 72 11.41 10.61 17.75
C ALA A 72 11.20 9.65 18.91
N GLU A 73 11.02 10.17 20.11
CA GLU A 73 10.85 9.28 21.24
CA GLU A 73 10.81 9.36 21.30
C GLU A 73 9.48 8.60 21.17
N LEU A 74 9.47 7.39 21.69
CA LEU A 74 8.24 6.63 21.83
C LEU A 74 7.34 7.36 22.82
N HIS A 75 6.06 7.39 22.49
CA HIS A 75 5.04 8.02 23.32
C HIS A 75 4.96 7.29 24.65
N PRO A 76 4.67 7.99 25.75
CA PRO A 76 4.46 7.29 27.02
C PRO A 76 3.55 6.05 27.05
N VAL A 77 2.57 5.93 26.15
N VAL A 77 2.49 6.01 26.27
CA VAL A 77 1.77 4.71 26.07
CA VAL A 77 1.62 4.86 26.38
C VAL A 77 2.61 3.46 25.82
C VAL A 77 2.43 3.61 26.12
N VAL A 78 3.62 3.62 24.96
N VAL A 78 3.45 3.75 25.28
CA VAL A 78 4.57 2.55 24.72
CA VAL A 78 4.31 2.64 24.91
C VAL A 78 5.61 2.51 25.80
C VAL A 78 5.60 2.53 25.71
N SER A 79 6.21 3.66 26.08
CA SER A 79 7.45 3.63 26.87
C SER A 79 7.21 3.18 28.30
N GLU A 80 6.01 3.36 28.82
CA GLU A 80 5.75 2.92 30.19
CA GLU A 80 5.64 2.96 30.19
C GLU A 80 5.21 1.49 30.28
N ARG A 81 5.22 0.76 29.16
CA ARG A 81 4.76 -0.62 29.13
C ARG A 81 5.88 -1.60 28.77
N ALA A 82 5.66 -2.86 29.13
CA ALA A 82 6.56 -3.94 28.76
C ALA A 82 6.45 -4.23 27.27
N ARG A 83 7.44 -4.94 26.76
CA ARG A 83 7.42 -5.38 25.38
C ARG A 83 8.21 -6.68 25.31
N ASP A 84 8.03 -7.45 24.24
CA ASP A 84 8.87 -8.65 24.04
C ASP A 84 9.93 -8.53 23.00
N HIS A 85 9.82 -7.55 22.11
CA HIS A 85 10.84 -7.30 21.09
C HIS A 85 10.76 -5.84 20.65
N TYR A 86 11.89 -5.36 20.12
CA TYR A 86 12.11 -4.01 19.61
C TYR A 86 12.82 -4.05 18.28
N VAL A 87 12.36 -3.24 17.32
CA VAL A 87 12.90 -3.10 15.97
C VAL A 87 12.99 -1.60 15.65
N GLU A 88 14.20 -1.11 15.35
N GLU A 88 14.21 -1.18 15.28
CA GLU A 88 14.31 0.23 14.77
CA GLU A 88 14.41 0.13 14.72
C GLU A 88 14.33 0.15 13.25
C GLU A 88 14.28 0.08 13.20
N LYS A 89 13.72 1.13 12.58
CA LYS A 89 13.67 1.20 11.12
C LYS A 89 13.86 2.66 10.65
N SER A 90 14.19 2.79 9.37
N SER A 90 14.21 2.84 9.39
CA SER A 90 14.34 4.04 8.65
CA SER A 90 14.14 4.17 8.74
C SER A 90 13.68 3.98 7.27
C SER A 90 13.19 4.16 7.53
N LEU A 91 12.85 2.96 7.05
CA LEU A 91 12.03 2.80 5.88
C LEU A 91 10.59 2.55 6.35
N PRO A 92 9.60 2.70 5.46
CA PRO A 92 8.23 2.43 5.87
C PRO A 92 7.99 1.04 6.45
N SER A 93 8.52 0.01 5.79
CA SER A 93 8.29 -1.34 6.24
C SER A 93 9.21 -1.73 7.42
N ALA A 94 8.63 -2.33 8.45
CA ALA A 94 9.33 -2.84 9.62
C ALA A 94 10.08 -4.14 9.30
N PHE A 95 9.91 -4.72 8.12
CA PHE A 95 10.62 -5.93 7.75
C PHE A 95 11.96 -5.72 7.06
N THR A 96 12.03 -4.74 6.19
CA THR A 96 13.20 -4.64 5.30
C THR A 96 14.51 -4.45 6.01
N GLY A 97 15.30 -5.50 5.91
CA GLY A 97 16.60 -5.56 6.45
C GLY A 97 16.67 -5.82 7.95
N THR A 98 15.52 -6.00 8.61
CA THR A 98 15.48 -6.10 10.09
C THR A 98 15.44 -7.55 10.52
N ASP A 99 15.36 -7.78 11.84
CA ASP A 99 15.25 -9.12 12.34
C ASP A 99 13.80 -9.61 12.50
N LEU A 100 12.81 -8.83 11.99
CA LEU A 100 11.42 -9.07 12.34
C LEU A 100 10.92 -10.43 11.82
N ALA A 101 11.13 -10.73 10.54
CA ALA A 101 10.62 -11.96 9.98
C ALA A 101 11.16 -13.17 10.74
N GLY A 102 12.47 -13.18 11.00
CA GLY A 102 13.08 -14.29 11.75
C GLY A 102 12.55 -14.41 13.17
N TRP A 103 12.34 -13.27 13.82
CA TRP A 103 11.93 -13.28 15.21
C TRP A 103 10.54 -13.87 15.31
N LEU A 104 9.65 -13.39 14.43
CA LEU A 104 8.31 -13.94 14.33
C LEU A 104 8.29 -15.43 14.05
N ALA A 105 9.09 -15.88 13.08
CA ALA A 105 9.12 -17.29 12.71
C ALA A 105 9.57 -18.19 13.84
N ALA A 106 10.48 -17.67 14.65
CA ALA A 106 11.06 -18.40 15.78
C ALA A 106 10.00 -18.58 16.88
N ARG A 107 8.89 -17.84 16.79
CA ARG A 107 7.83 -17.90 17.80
C ARG A 107 6.55 -18.48 17.20
N GLN A 108 6.72 -19.11 16.04
CA GLN A 108 5.59 -19.76 15.38
C GLN A 108 4.45 -18.81 14.96
N ILE A 109 4.75 -17.53 14.79
CA ILE A 109 3.68 -16.57 14.47
C ILE A 109 3.11 -16.83 13.10
N ASP A 110 1.77 -16.96 13.01
CA ASP A 110 1.10 -17.12 11.75
C ASP A 110 0.24 -15.92 11.41
N THR A 111 0.09 -14.98 12.35
CA THR A 111 -0.84 -13.85 12.25
C THR A 111 -0.21 -12.62 12.87
N LEU A 112 -0.07 -11.55 12.08
CA LEU A 112 0.55 -10.33 12.57
C LEU A 112 -0.54 -9.31 12.75
N THR A 113 -0.75 -8.85 13.98
CA THR A 113 -1.81 -7.87 14.28
C THR A 113 -1.14 -6.47 14.34
N VAL A 114 -1.58 -5.57 13.46
CA VAL A 114 -0.93 -4.28 13.24
C VAL A 114 -1.72 -3.16 13.93
N THR A 115 -0.97 -2.36 14.69
CA THR A 115 -1.42 -1.12 15.30
C THR A 115 -0.29 -0.08 15.08
N GLY A 116 -0.64 1.15 15.32
CA GLY A 116 0.27 2.26 15.20
C GLY A 116 0.10 3.00 13.89
N TYR A 117 1.09 3.81 13.58
CA TYR A 117 1.00 4.85 12.58
C TYR A 117 2.12 4.79 11.56
N THR A 119 -1.35 4.55 9.01
CA THR A 119 -2.22 3.59 8.27
C THR A 119 -1.65 3.32 6.84
N HIS A 120 -1.43 4.40 6.12
CA HIS A 120 -1.12 4.41 4.69
C HIS A 120 0.36 4.35 4.32
N ASN A 121 1.23 4.27 5.30
CA ASN A 121 2.63 4.37 5.01
C ASN A 121 3.33 3.22 5.72
N ASP A 123 2.29 1.29 8.26
CA ASP A 123 1.40 0.14 8.50
C ASP A 123 1.17 -0.61 7.17
N ALA A 124 0.79 0.11 6.12
CA ALA A 124 0.47 -0.56 4.87
C ALA A 124 1.72 -1.26 4.27
N SER A 125 2.88 -0.61 4.36
CA SER A 125 4.12 -1.21 3.84
CA SER A 125 4.07 -1.23 3.81
C SER A 125 4.45 -2.51 4.57
N THR A 126 4.34 -2.47 5.88
CA THR A 126 4.64 -3.60 6.71
C THR A 126 3.66 -4.74 6.38
N ILE A 127 2.37 -4.41 6.25
CA ILE A 127 1.36 -5.41 5.89
C ILE A 127 1.63 -6.01 4.51
N ASN A 128 2.03 -5.21 3.52
CA ASN A 128 2.28 -5.71 2.17
C ASN A 128 3.37 -6.76 2.21
N HIS A 129 4.45 -6.49 2.95
CA HIS A 129 5.52 -7.46 3.08
C HIS A 129 5.01 -8.72 3.78
N ALA A 130 4.31 -8.54 4.89
CA ALA A 130 3.79 -9.69 5.63
C ALA A 130 2.93 -10.63 4.79
N VAL A 131 1.98 -10.04 4.08
CA VAL A 131 1.06 -10.84 3.24
C VAL A 131 1.85 -11.65 2.18
N HIS A 132 2.78 -10.99 1.51
CA HIS A 132 3.50 -11.66 0.43
C HIS A 132 4.55 -12.63 0.95
N SER A 133 4.80 -12.63 2.26
CA SER A 133 5.65 -13.63 2.94
CA SER A 133 5.64 -13.67 2.87
C SER A 133 4.83 -14.84 3.44
N GLY A 134 3.52 -14.77 3.34
CA GLY A 134 2.69 -15.86 3.83
C GLY A 134 2.06 -15.72 5.20
N LEU A 135 2.23 -14.58 5.83
CA LEU A 135 1.57 -14.34 7.12
C LEU A 135 0.14 -13.89 6.89
N ALA A 136 -0.78 -14.31 7.78
CA ALA A 136 -2.07 -13.65 7.88
C ALA A 136 -1.85 -12.34 8.60
N VAL A 137 -2.67 -11.34 8.32
CA VAL A 137 -2.50 -10.04 8.91
C VAL A 137 -3.85 -9.56 9.44
N GLU A 138 -3.83 -8.91 10.58
CA GLU A 138 -4.98 -8.22 11.15
C GLU A 138 -4.60 -6.74 11.28
N PHE A 139 -5.60 -5.86 11.13
CA PHE A 139 -5.39 -4.39 11.21
C PHE A 139 -6.46 -3.81 12.09
N LEU A 140 -6.06 -3.17 13.19
CA LEU A 140 -6.97 -2.60 14.14
C LEU A 140 -7.29 -1.16 13.74
N HIS A 141 -8.50 -0.96 13.16
CA HIS A 141 -8.81 0.30 12.48
C HIS A 141 -8.90 1.47 13.48
N ASP A 142 -9.06 1.18 14.76
CA ASP A 142 -9.25 2.20 15.80
C ASP A 142 -7.99 2.37 16.65
N ALA A 143 -6.89 1.69 16.28
CA ALA A 143 -5.59 1.74 16.93
C ALA A 143 -4.49 2.10 15.95
N THR A 144 -4.89 2.81 14.92
CA THR A 144 -4.07 3.23 13.80
C THR A 144 -4.49 4.65 13.39
N GLY A 145 -3.97 5.20 12.30
CA GLY A 145 -4.46 6.48 11.82
C GLY A 145 -3.60 7.15 10.76
N SER A 146 -4.17 8.22 10.20
CA SER A 146 -3.60 8.95 9.08
C SER A 146 -3.57 10.45 9.35
N VAL A 147 -2.90 11.14 8.43
CA VAL A 147 -2.77 12.60 8.39
C VAL A 147 -3.30 13.00 7.00
N PRO A 148 -3.73 14.26 6.80
CA PRO A 148 -4.13 14.71 5.45
C PRO A 148 -2.87 15.05 4.62
N TYR A 149 -2.99 14.95 3.31
CA TYR A 149 -1.91 15.25 2.40
C TYR A 149 -2.47 16.07 1.21
N GLU A 150 -1.69 17.02 0.77
CA GLU A 150 -1.93 17.68 -0.49
CA GLU A 150 -1.93 17.71 -0.48
C GLU A 150 -0.59 17.85 -1.20
N ASN A 151 -0.52 17.44 -2.43
CA ASN A 151 0.71 17.49 -3.19
C ASN A 151 0.34 17.60 -4.68
N SER A 152 1.31 17.39 -5.58
CA SER A 152 1.00 17.55 -6.97
C SER A 152 -0.03 16.58 -7.51
N ALA A 153 -0.27 15.47 -6.80
CA ALA A 153 -1.22 14.48 -7.24
C ALA A 153 -2.66 14.77 -6.77
N GLY A 154 -2.83 15.71 -5.87
CA GLY A 154 -4.15 16.11 -5.37
C GLY A 154 -4.20 16.23 -3.86
N PHE A 155 -5.41 16.29 -3.34
CA PHE A 155 -5.69 16.42 -1.94
C PHE A 155 -6.42 15.17 -1.46
N ALA A 156 -6.11 14.70 -0.25
CA ALA A 156 -6.93 13.68 0.42
C ALA A 156 -6.88 13.96 1.92
N SER A 157 -8.04 13.94 2.57
CA SER A 157 -8.11 14.15 4.02
C SER A 157 -7.61 12.90 4.76
N ALA A 158 -7.35 13.06 6.05
CA ALA A 158 -6.97 11.94 6.87
C ALA A 158 -8.09 10.91 6.93
N GLU A 159 -9.37 11.34 7.01
CA GLU A 159 -10.47 10.41 7.05
C GLU A 159 -10.53 9.62 5.74
N GLU A 160 -10.36 10.29 4.62
CA GLU A 160 -10.46 9.62 3.32
C GLU A 160 -9.31 8.59 3.21
N ILE A 161 -8.11 9.00 3.59
CA ILE A 161 -6.94 8.11 3.49
C ILE A 161 -7.18 6.86 4.38
N HIS A 162 -7.51 7.07 5.64
CA HIS A 162 -7.68 5.99 6.56
C HIS A 162 -8.79 5.05 6.17
N ARG A 163 -9.90 5.63 5.73
CA ARG A 163 -11.02 4.83 5.25
C ARG A 163 -10.68 4.01 4.01
N VAL A 164 -10.15 4.66 3.01
CA VAL A 164 -9.72 3.98 1.79
C VAL A 164 -8.83 2.80 2.15
N PHE A 165 -7.79 3.05 2.93
CA PHE A 165 -6.87 1.99 3.28
C PHE A 165 -7.56 0.89 4.09
N SER A 166 -8.46 1.24 5.00
CA SER A 166 -9.16 0.25 5.78
C SER A 166 -10.00 -0.67 4.88
N VAL A 167 -10.70 -0.05 3.93
CA VAL A 167 -11.54 -0.81 3.01
C VAL A 167 -10.74 -1.69 2.02
N VAL A 168 -9.64 -1.12 1.52
CA VAL A 168 -8.76 -1.88 0.66
C VAL A 168 -8.09 -3.02 1.41
N LEU A 169 -7.68 -2.75 2.63
CA LEU A 169 -7.06 -3.82 3.42
C LEU A 169 -8.05 -4.96 3.61
N GLN A 170 -9.27 -4.61 4.00
CA GLN A 170 -10.31 -5.64 4.24
C GLN A 170 -10.61 -6.45 2.99
N SER A 171 -10.47 -5.86 1.82
CA SER A 171 -10.78 -6.54 0.55
C SER A 171 -9.78 -7.63 0.21
N ARG A 172 -8.58 -7.63 0.76
CA ARG A 172 -7.56 -8.53 0.28
C ARG A 172 -6.42 -8.82 1.24
N PHE A 173 -5.98 -7.81 2.02
CA PHE A 173 -4.72 -7.94 2.70
C PHE A 173 -4.78 -8.31 4.19
N ALA A 174 -5.84 -7.98 4.88
CA ALA A 174 -5.89 -8.11 6.33
C ALA A 174 -7.31 -8.29 6.77
N ALA A 175 -7.49 -8.87 7.96
CA ALA A 175 -8.75 -8.78 8.68
C ALA A 175 -8.73 -7.49 9.46
N VAL A 176 -9.65 -6.61 9.07
CA VAL A 176 -9.81 -5.28 9.67
C VAL A 176 -10.84 -5.34 10.77
N ALA A 177 -10.52 -4.93 11.98
CA ALA A 177 -11.43 -5.08 13.12
C ALA A 177 -11.17 -4.04 14.14
N SER A 178 -12.08 -3.88 15.09
CA SER A 178 -11.85 -3.01 16.21
C SER A 178 -10.95 -3.71 17.24
N THR A 179 -10.40 -2.90 18.12
CA THR A 179 -9.64 -3.42 19.23
C THR A 179 -10.49 -4.31 20.12
N ASP A 180 -11.77 -3.94 20.33
CA ASP A 180 -12.65 -4.76 21.15
C ASP A 180 -12.82 -6.17 20.51
N GLU A 181 -13.02 -6.16 19.20
N GLU A 181 -13.03 -6.22 19.21
CA GLU A 181 -13.18 -7.35 18.39
CA GLU A 181 -13.19 -7.51 18.58
C GLU A 181 -11.96 -8.27 18.44
C GLU A 181 -11.93 -8.33 18.57
N TRP A 182 -10.78 -7.67 18.38
CA TRP A 182 -9.50 -8.39 18.45
C TRP A 182 -9.31 -9.03 19.81
N ILE A 183 -9.52 -8.25 20.86
CA ILE A 183 -9.37 -8.76 22.22
C ILE A 183 -10.26 -10.00 22.45
N ALA A 184 -11.51 -9.91 22.01
CA ALA A 184 -12.42 -11.04 22.09
C ALA A 184 -11.98 -12.27 21.30
N ALA A 185 -11.47 -12.03 20.10
CA ALA A 185 -10.97 -13.12 19.25
C ALA A 185 -9.72 -13.79 19.87
N VAL A 186 -8.88 -13.01 20.52
CA VAL A 186 -7.74 -13.58 21.30
C VAL A 186 -8.26 -14.46 22.43
N GLN A 187 -9.21 -13.94 23.21
CA GLN A 187 -9.82 -14.72 24.28
C GLN A 187 -10.42 -16.03 23.81
N GLY A 188 -11.08 -16.01 22.66
CA GLY A 188 -11.79 -17.17 22.15
C GLY A 188 -10.92 -18.10 21.31
N GLY A 189 -9.76 -17.62 20.88
CA GLY A 189 -8.89 -18.38 20.02
C GLY A 189 -9.38 -18.53 18.61
N THR A 190 -10.02 -17.48 18.09
CA THR A 190 -10.65 -17.53 16.77
C THR A 190 -10.02 -16.50 15.84
N PRO A 191 -10.02 -16.76 14.54
CA PRO A 191 -9.57 -15.78 13.58
C PRO A 191 -10.56 -14.67 13.38
N LEU A 192 -10.10 -13.56 12.86
CA LEU A 192 -10.98 -12.48 12.48
C LEU A 192 -11.33 -12.66 11.00
N ALA A 193 -12.46 -12.12 10.59
CA ALA A 193 -12.97 -12.28 9.23
C ALA A 193 -12.24 -11.41 8.19
N ARG A 194 -11.89 -12.02 7.07
CA ARG A 194 -11.27 -11.35 5.92
C ARG A 194 -12.27 -11.26 4.78
N GLY A 195 -12.27 -10.13 4.08
CA GLY A 195 -13.08 -9.95 2.90
C GLY A 195 -12.36 -10.44 1.66
N ASN A 196 -12.92 -10.12 0.51
CA ASN A 196 -12.33 -10.50 -0.75
C ASN A 196 -12.75 -9.52 -1.83
N ILE A 197 -11.99 -9.45 -2.90
CA ILE A 197 -12.16 -8.39 -3.90
C ILE A 197 -13.46 -8.49 -4.63
N TYR A 198 -13.82 -9.72 -5.02
CA TYR A 198 -15.08 -9.90 -5.74
CA TYR A 198 -15.07 -10.02 -5.68
C TYR A 198 -16.27 -9.50 -4.85
N ALA A 199 -16.36 -9.99 -3.61
CA ALA A 199 -17.48 -9.60 -2.73
C ALA A 199 -17.48 -8.11 -2.52
N SER A 200 -16.30 -7.51 -2.34
CA SER A 200 -16.24 -6.11 -2.06
C SER A 200 -16.70 -5.28 -3.21
N ASN A 201 -16.30 -5.65 -4.41
CA ASN A 201 -16.72 -4.89 -5.56
C ASN A 201 -18.19 -5.15 -5.90
N GLN A 202 -18.65 -6.39 -5.75
CA GLN A 202 -20.08 -6.71 -5.98
C GLN A 202 -21.00 -5.94 -5.06
N LYS A 203 -20.65 -5.82 -3.79
CA LYS A 203 -21.49 -5.13 -2.83
CA LYS A 203 -21.49 -5.11 -2.83
C LYS A 203 -21.60 -3.66 -3.21
N ALA A 204 -20.50 -3.03 -3.61
CA ALA A 204 -20.55 -1.63 -4.00
C ALA A 204 -21.37 -1.46 -5.28
N ARG A 205 -21.21 -2.35 -6.21
CA ARG A 205 -21.97 -2.24 -7.45
C ARG A 205 -23.47 -2.49 -7.28
N ALA A 206 -23.81 -3.40 -6.36
CA ALA A 206 -25.21 -3.84 -6.16
C ALA A 206 -25.94 -2.71 -5.56
N ARG A 207 -25.26 -1.96 -4.71
CA ARG A 207 -25.81 -0.78 -4.06
C ARG A 207 -26.03 0.36 -5.06
N ARG A 208 -25.03 0.60 -5.91
CA ARG A 208 -25.14 1.62 -6.99
C ARG A 208 -26.32 1.30 -7.92
N ALA A 209 -26.58 0.02 -8.14
CA ALA A 209 -27.79 -0.39 -8.87
C ALA A 209 -29.01 -0.13 -7.97
N THR B 3 20.86 13.25 -13.72
CA THR B 3 21.24 12.07 -14.57
C THR B 3 19.99 11.36 -15.13
N THR B 4 20.19 10.56 -16.18
CA THR B 4 19.05 9.96 -16.88
C THR B 4 18.65 8.61 -16.27
N PRO B 5 17.38 8.45 -15.88
CA PRO B 5 16.91 7.16 -15.36
C PRO B 5 17.11 6.03 -16.35
N ARG B 6 17.39 4.82 -15.85
CA ARG B 6 17.37 3.61 -16.69
C ARG B 6 16.04 2.89 -16.39
N ARG B 7 15.04 3.18 -17.22
CA ARG B 7 13.64 2.80 -16.98
C ARG B 7 13.31 1.48 -17.58
N ALA B 8 12.39 0.81 -16.93
CA ALA B 8 11.53 -0.19 -17.56
C ALA B 8 10.05 0.18 -17.36
N LEU B 9 9.15 -0.05 -18.34
CA LEU B 9 7.74 0.18 -18.21
C LEU B 9 7.10 -1.16 -17.91
N ILE B 10 6.32 -1.23 -16.84
CA ILE B 10 5.65 -2.44 -16.47
C ILE B 10 4.15 -2.14 -16.64
N VAL B 11 3.47 -3.09 -17.27
CA VAL B 11 2.07 -2.97 -17.68
C VAL B 11 1.36 -4.09 -16.94
N ILE B 12 0.68 -3.71 -15.85
CA ILE B 12 0.17 -4.70 -14.91
C ILE B 12 -1.27 -5.10 -15.13
N ASP B 13 -1.44 -6.39 -15.39
CA ASP B 13 -2.76 -7.01 -15.38
C ASP B 13 -3.80 -6.32 -16.26
N VAL B 14 -3.45 -5.95 -17.48
CA VAL B 14 -4.42 -5.28 -18.41
C VAL B 14 -5.16 -6.38 -19.12
N GLN B 15 -6.13 -6.88 -18.37
CA GLN B 15 -6.89 -8.07 -18.73
C GLN B 15 -8.37 -7.75 -18.92
N ASN B 16 -9.06 -8.61 -19.67
CA ASN B 16 -10.44 -8.34 -20.06
C ASN B 16 -11.37 -8.21 -18.87
N GLU B 17 -11.05 -8.89 -17.75
CA GLU B 17 -11.90 -8.81 -16.53
C GLU B 17 -12.22 -7.39 -16.15
N TYR B 18 -11.24 -6.50 -16.36
CA TYR B 18 -11.32 -5.11 -16.00
C TYR B 18 -12.10 -4.23 -16.97
N VAL B 19 -12.40 -4.76 -18.15
CA VAL B 19 -12.96 -3.99 -19.25
C VAL B 19 -14.34 -4.54 -19.58
N THR B 20 -14.41 -5.78 -20.03
CA THR B 20 -15.68 -6.43 -20.40
C THR B 20 -16.17 -7.45 -19.39
N GLY B 21 -15.34 -7.73 -18.37
CA GLY B 21 -15.61 -8.74 -17.38
C GLY B 21 -16.27 -8.24 -16.12
N ASP B 22 -16.06 -8.98 -15.03
CA ASP B 22 -16.82 -8.79 -13.80
C ASP B 22 -16.05 -8.01 -12.73
N LEU B 23 -14.98 -7.30 -13.10
CA LEU B 23 -14.29 -6.37 -12.18
C LEU B 23 -14.02 -5.05 -12.92
N PRO B 24 -15.12 -4.35 -13.29
CA PRO B 24 -14.94 -3.23 -14.23
C PRO B 24 -14.29 -2.04 -13.59
N ILE B 25 -13.18 -1.60 -14.17
CA ILE B 25 -12.58 -0.37 -13.75
C ILE B 25 -13.51 0.81 -13.91
N GLU B 26 -13.60 1.66 -12.90
CA GLU B 26 -14.53 2.77 -12.92
C GLU B 26 -13.85 4.15 -12.88
N TYR B 27 -12.63 4.27 -12.38
CA TYR B 27 -11.98 5.58 -12.39
CA TYR B 27 -11.98 5.56 -12.30
C TYR B 27 -10.47 5.42 -12.36
N PRO B 28 -9.79 6.15 -13.27
CA PRO B 28 -10.33 6.90 -14.39
C PRO B 28 -11.12 6.04 -15.34
N ASP B 29 -11.82 6.69 -16.26
CA ASP B 29 -12.55 5.96 -17.33
C ASP B 29 -11.65 4.95 -18.03
N VAL B 30 -12.12 3.70 -18.14
CA VAL B 30 -11.21 2.64 -18.57
C VAL B 30 -10.76 2.78 -19.98
N GLN B 31 -11.56 3.35 -20.88
CA GLN B 31 -11.02 3.56 -22.22
C GLN B 31 -9.88 4.57 -22.27
N SER B 32 -10.00 5.60 -21.44
N SER B 32 -9.94 5.58 -21.41
N SER B 32 -9.97 5.62 -21.46
CA SER B 32 -8.98 6.62 -21.28
CA SER B 32 -8.92 6.61 -21.33
CA SER B 32 -8.92 6.59 -21.37
C SER B 32 -7.66 5.97 -20.89
C SER B 32 -7.58 6.11 -20.77
C SER B 32 -7.63 5.96 -20.89
N SER B 33 -7.67 5.20 -19.79
CA SER B 33 -6.46 4.58 -19.29
C SER B 33 -5.92 3.53 -20.23
N LEU B 34 -6.76 2.74 -20.90
CA LEU B 34 -6.27 1.82 -21.91
C LEU B 34 -5.54 2.53 -23.03
N ALA B 35 -6.10 3.65 -23.44
CA ALA B 35 -5.47 4.46 -24.49
C ALA B 35 -4.11 5.01 -24.06
N ASN B 36 -4.01 5.44 -22.81
CA ASN B 36 -2.75 5.92 -22.31
C ASN B 36 -1.75 4.80 -22.09
N ILE B 37 -2.17 3.63 -21.69
CA ILE B 37 -1.26 2.48 -21.62
C ILE B 37 -0.68 2.18 -22.99
N ALA B 38 -1.55 2.18 -24.01
CA ALA B 38 -1.09 2.03 -25.37
C ALA B 38 -0.05 3.06 -25.76
N ARG B 39 -0.35 4.32 -25.50
N ARG B 39 -0.33 4.32 -25.49
CA ARG B 39 0.63 5.37 -25.83
CA ARG B 39 0.65 5.38 -25.85
C ARG B 39 1.96 5.17 -25.12
C ARG B 39 1.98 5.33 -25.07
N ALA B 40 1.88 4.87 -23.82
CA ALA B 40 3.08 4.67 -23.03
C ALA B 40 3.98 3.51 -23.55
N ASP B 42 3.99 2.40 -26.63
CA ASP B 42 4.56 2.78 -27.94
C ASP B 42 5.71 3.78 -27.77
N ALA B 43 5.61 4.69 -26.81
CA ALA B 43 6.65 5.64 -26.52
C ALA B 43 7.86 4.91 -25.94
N ALA B 44 7.62 3.96 -25.05
CA ALA B 44 8.71 3.13 -24.53
C ALA B 44 9.40 2.42 -25.68
N ARG B 45 8.62 1.82 -26.54
CA ARG B 45 9.17 1.08 -27.68
C ARG B 45 10.08 1.94 -28.51
N ALA B 46 9.61 3.12 -28.86
CA ALA B 46 10.38 4.04 -29.70
C ALA B 46 11.71 4.49 -29.06
N ALA B 47 11.71 4.60 -27.74
CA ALA B 47 12.88 5.00 -26.95
C ALA B 47 13.84 3.89 -26.52
N GLY B 48 13.49 2.66 -26.81
CA GLY B 48 14.26 1.51 -26.38
C GLY B 48 14.12 1.24 -24.90
N VAL B 49 13.07 1.73 -24.26
CA VAL B 49 12.83 1.42 -22.86
C VAL B 49 12.14 0.04 -22.86
N PRO B 50 12.64 -0.92 -22.08
CA PRO B 50 11.99 -2.23 -22.08
C PRO B 50 10.56 -2.21 -21.53
N VAL B 51 9.69 -3.06 -22.07
CA VAL B 51 8.27 -3.18 -21.70
C VAL B 51 8.00 -4.58 -21.16
N VAL B 52 7.50 -4.63 -19.93
CA VAL B 52 7.22 -5.85 -19.21
C VAL B 52 5.71 -5.96 -19.04
N ILE B 53 5.16 -7.10 -19.46
CA ILE B 53 3.71 -7.37 -19.33
CA ILE B 53 3.72 -7.36 -19.35
C ILE B 53 3.48 -8.32 -18.19
N VAL B 54 2.47 -8.05 -17.35
CA VAL B 54 2.15 -8.91 -16.21
C VAL B 54 0.72 -9.41 -16.38
N GLN B 55 0.53 -10.71 -16.15
CA GLN B 55 -0.78 -11.30 -16.23
C GLN B 55 -1.09 -12.07 -14.97
N ASN B 56 -2.26 -11.84 -14.41
CA ASN B 56 -2.67 -12.42 -13.14
C ASN B 56 -3.67 -13.52 -13.37
N PHE B 57 -3.42 -14.68 -12.79
CA PHE B 57 -4.36 -15.78 -12.90
C PHE B 57 -4.81 -16.23 -11.52
N ALA B 58 -6.09 -16.64 -11.47
CA ALA B 58 -6.70 -17.39 -10.37
C ALA B 58 -7.03 -18.78 -10.92
N PRO B 59 -7.39 -19.72 -10.04
CA PRO B 59 -7.69 -21.03 -10.59
C PRO B 59 -8.89 -21.05 -11.54
N ALA B 60 -8.87 -21.99 -12.49
CA ALA B 60 -9.98 -22.29 -13.38
C ALA B 60 -11.24 -22.39 -12.56
N GLY B 61 -12.28 -21.76 -13.04
CA GLY B 61 -13.54 -21.75 -12.27
C GLY B 61 -13.73 -20.67 -11.21
N SER B 62 -12.69 -19.88 -10.92
CA SER B 62 -12.82 -18.73 -10.00
C SER B 62 -13.71 -17.67 -10.62
N PRO B 63 -14.31 -16.78 -9.80
CA PRO B 63 -15.16 -15.72 -10.36
C PRO B 63 -14.42 -14.69 -11.18
N LEU B 64 -13.15 -14.46 -10.85
CA LEU B 64 -12.35 -13.41 -11.52
C LEU B 64 -11.00 -13.96 -11.92
N PHE B 65 -10.54 -13.58 -13.10
CA PHE B 65 -9.16 -14.00 -13.59
C PHE B 65 -8.95 -15.51 -13.72
N ALA B 66 -10.05 -16.24 -13.92
CA ALA B 66 -9.93 -17.69 -13.93
C ALA B 66 -9.13 -18.16 -15.11
N ARG B 67 -8.16 -19.02 -14.86
CA ARG B 67 -7.42 -19.62 -15.92
C ARG B 67 -8.36 -20.30 -16.92
N GLY B 68 -8.13 -20.02 -18.20
CA GLY B 68 -9.00 -20.51 -19.27
C GLY B 68 -10.15 -19.63 -19.71
N SER B 69 -10.46 -18.57 -18.97
CA SER B 69 -11.61 -17.72 -19.21
C SER B 69 -11.21 -16.49 -20.05
N ASN B 70 -12.19 -15.86 -20.69
CA ASN B 70 -12.00 -14.62 -21.42
C ASN B 70 -11.51 -13.54 -20.51
N GLY B 71 -12.08 -13.46 -19.31
CA GLY B 71 -11.67 -12.43 -18.35
C GLY B 71 -10.20 -12.41 -18.02
N ALA B 72 -9.55 -13.58 -17.99
CA ALA B 72 -8.15 -13.72 -17.67
C ALA B 72 -7.25 -13.33 -18.84
N GLU B 73 -7.74 -13.31 -20.07
CA GLU B 73 -6.91 -12.96 -21.22
C GLU B 73 -6.48 -11.52 -21.14
N LEU B 74 -5.27 -11.24 -21.63
CA LEU B 74 -4.86 -9.88 -21.83
C LEU B 74 -5.75 -9.18 -22.85
N HIS B 75 -6.08 -7.94 -22.54
CA HIS B 75 -6.80 -7.09 -23.46
C HIS B 75 -5.96 -6.88 -24.72
N PRO B 76 -6.61 -6.87 -25.89
CA PRO B 76 -5.86 -6.68 -27.13
C PRO B 76 -4.96 -5.46 -27.22
N VAL B 77 -5.30 -4.36 -26.54
N VAL B 77 -5.26 -4.38 -26.51
CA VAL B 77 -4.42 -3.18 -26.46
CA VAL B 77 -4.40 -3.22 -26.53
C VAL B 77 -3.02 -3.63 -26.13
C VAL B 77 -2.98 -3.59 -26.03
N VAL B 78 -2.94 -4.58 -25.20
N VAL B 78 -2.91 -4.57 -25.13
CA VAL B 78 -1.67 -5.03 -24.69
CA VAL B 78 -1.62 -5.10 -24.72
C VAL B 78 -1.23 -6.36 -25.35
C VAL B 78 -1.22 -6.35 -25.50
N SER B 79 -2.15 -7.29 -25.64
CA SER B 79 -1.78 -8.60 -26.15
C SER B 79 -1.26 -8.58 -27.56
N GLU B 80 -1.67 -7.61 -28.36
CA GLU B 80 -1.22 -7.41 -29.72
C GLU B 80 0.06 -6.59 -29.86
N ARG B 81 0.61 -6.07 -28.77
CA ARG B 81 1.78 -5.25 -28.84
C ARG B 81 3.03 -6.03 -28.52
N ALA B 82 4.12 -5.44 -28.97
CA ALA B 82 5.45 -5.88 -28.61
C ALA B 82 5.65 -5.83 -27.11
N ARG B 83 6.52 -6.72 -26.61
CA ARG B 83 7.00 -6.70 -25.23
C ARG B 83 8.40 -7.27 -25.18
N ASP B 84 9.12 -6.82 -24.17
CA ASP B 84 10.44 -7.38 -23.89
C ASP B 84 10.44 -8.52 -22.91
N HIS B 85 9.43 -8.62 -22.06
CA HIS B 85 9.38 -9.64 -21.03
C HIS B 85 7.93 -9.80 -20.57
N TYR B 86 7.61 -10.98 -20.07
CA TYR B 86 6.30 -11.33 -19.57
C TYR B 86 6.43 -12.07 -18.26
N VAL B 87 5.59 -11.78 -17.27
N VAL B 87 5.54 -11.77 -17.31
CA VAL B 87 5.49 -12.64 -16.11
CA VAL B 87 5.56 -12.31 -15.95
C VAL B 87 4.03 -12.91 -15.85
C VAL B 87 4.14 -12.73 -15.53
N GLU B 88 3.74 -14.11 -15.39
N GLU B 88 3.97 -13.98 -15.12
CA GLU B 88 2.47 -14.41 -14.77
CA GLU B 88 2.68 -14.48 -14.66
C GLU B 88 2.60 -14.43 -13.24
C GLU B 88 2.69 -14.33 -13.16
N LYS B 89 1.59 -13.95 -12.54
CA LYS B 89 1.59 -13.87 -11.09
C LYS B 89 0.22 -14.34 -10.58
N SER B 90 0.19 -14.64 -9.30
CA SER B 90 -1.04 -14.98 -8.65
C SER B 90 -1.28 -14.24 -7.33
N LEU B 91 -0.36 -13.39 -6.86
CA LEU B 91 -0.62 -12.50 -5.76
C LEU B 91 -0.53 -11.06 -6.26
N PRO B 92 -0.87 -10.09 -5.40
CA PRO B 92 -0.95 -8.73 -5.96
C PRO B 92 0.38 -8.20 -6.52
N SER B 93 1.49 -8.40 -5.81
CA SER B 93 2.82 -7.92 -6.26
C SER B 93 3.34 -8.69 -7.46
N ALA B 94 3.80 -7.97 -8.49
CA ALA B 94 4.38 -8.58 -9.66
C ALA B 94 5.80 -9.13 -9.39
N PHE B 95 6.38 -8.85 -8.21
CA PHE B 95 7.67 -9.47 -7.80
C PHE B 95 7.57 -10.85 -7.17
N THR B 96 6.50 -11.11 -6.44
CA THR B 96 6.46 -12.31 -5.62
C THR B 96 6.12 -13.53 -6.51
N GLY B 97 6.98 -14.52 -6.44
CA GLY B 97 6.78 -15.71 -7.29
C GLY B 97 7.02 -15.49 -8.77
N THR B 98 7.82 -14.48 -9.09
CA THR B 98 8.18 -14.24 -10.47
C THR B 98 9.67 -13.95 -10.59
N ASP B 99 10.17 -13.84 -11.83
CA ASP B 99 11.55 -13.44 -12.08
C ASP B 99 11.79 -11.94 -12.24
N LEU B 100 10.81 -11.14 -11.86
CA LEU B 100 10.85 -9.72 -12.23
C LEU B 100 12.12 -9.02 -11.69
N ALA B 101 12.41 -9.22 -10.40
CA ALA B 101 13.56 -8.49 -9.86
C ALA B 101 14.83 -8.90 -10.53
N GLY B 102 14.95 -10.19 -10.79
CA GLY B 102 16.11 -10.72 -11.48
C GLY B 102 16.28 -10.22 -12.90
N TRP B 103 15.17 -10.14 -13.61
CA TRP B 103 15.21 -9.68 -14.99
C TRP B 103 15.57 -8.19 -15.05
N LEU B 104 15.03 -7.40 -14.16
CA LEU B 104 15.32 -5.99 -14.12
C LEU B 104 16.78 -5.75 -13.74
N ALA B 105 17.23 -6.55 -12.79
CA ALA B 105 18.63 -6.42 -12.36
C ALA B 105 19.61 -6.75 -13.48
N ALA B 106 19.29 -7.75 -14.29
CA ALA B 106 20.16 -8.18 -15.36
C ALA B 106 20.27 -7.10 -16.41
N ARG B 107 19.21 -6.28 -16.52
CA ARG B 107 19.19 -5.17 -17.46
C ARG B 107 19.56 -3.81 -16.88
N GLN B 108 20.03 -3.82 -15.65
CA GLN B 108 20.51 -2.68 -14.88
C GLN B 108 19.46 -1.57 -14.74
N ILE B 109 18.21 -1.99 -14.57
CA ILE B 109 17.08 -1.04 -14.43
C ILE B 109 17.14 -0.41 -13.05
N ASP B 110 17.07 0.91 -12.99
CA ASP B 110 17.01 1.62 -11.72
C ASP B 110 15.66 2.33 -11.43
N THR B 111 14.80 2.41 -12.44
CA THR B 111 13.53 3.12 -12.32
C THR B 111 12.46 2.24 -12.98
N LEU B 112 11.42 1.97 -12.22
CA LEU B 112 10.24 1.19 -12.70
C LEU B 112 9.03 2.09 -12.87
N THR B 113 8.54 2.18 -14.09
CA THR B 113 7.37 2.99 -14.40
C THR B 113 6.13 2.09 -14.45
N VAL B 114 5.16 2.36 -13.58
CA VAL B 114 4.00 1.49 -13.40
C VAL B 114 2.77 2.04 -14.08
N THR B 115 2.17 1.17 -14.85
CA THR B 115 0.84 1.34 -15.50
C THR B 115 0.03 0.06 -15.30
N GLY B 116 -1.27 0.13 -15.52
CA GLY B 116 -2.19 -0.97 -15.44
C GLY B 116 -2.93 -0.98 -14.12
N TYR B 117 -3.49 -2.14 -13.81
CA TYR B 117 -4.60 -2.20 -12.83
C TYR B 117 -4.32 -3.23 -11.76
N THR B 119 -4.81 0.23 -9.23
CA THR B 119 -3.98 1.20 -8.53
C THR B 119 -3.67 0.76 -7.08
N HIS B 120 -4.66 0.31 -6.34
CA HIS B 120 -4.63 0.09 -4.91
C HIS B 120 -4.29 -1.32 -4.51
N ASN B 121 -4.08 -2.21 -5.46
CA ASN B 121 -3.90 -3.64 -5.21
C ASN B 121 -2.63 -4.11 -5.89
N ASP B 123 -0.89 -2.65 -8.39
CA ASP B 123 0.05 -1.59 -8.64
C ASP B 123 0.70 -1.21 -7.32
N ALA B 124 -0.06 -0.91 -6.28
CA ALA B 124 0.53 -0.47 -4.98
C ALA B 124 1.44 -1.52 -4.39
N SER B 125 1.02 -2.78 -4.45
CA SER B 125 1.88 -3.82 -3.89
CA SER B 125 1.83 -3.84 -3.93
C SER B 125 3.20 -3.97 -4.63
N THR B 126 3.16 -3.91 -5.94
CA THR B 126 4.36 -3.94 -6.76
C THR B 126 5.29 -2.77 -6.44
N ILE B 127 4.72 -1.58 -6.31
CA ILE B 127 5.46 -0.35 -6.02
C ILE B 127 6.06 -0.48 -4.66
N ASN B 128 5.37 -0.97 -3.66
CA ASN B 128 5.91 -1.06 -2.30
C ASN B 128 7.10 -2.01 -2.23
N HIS B 129 7.01 -3.14 -2.92
CA HIS B 129 8.16 -4.05 -3.06
C HIS B 129 9.35 -3.35 -3.76
N ALA B 130 9.12 -2.68 -4.89
CA ALA B 130 10.16 -2.05 -5.65
C ALA B 130 10.92 -1.02 -4.86
N VAL B 131 10.19 -0.14 -4.19
CA VAL B 131 10.81 0.88 -3.38
C VAL B 131 11.70 0.26 -2.31
N HIS B 132 11.20 -0.76 -1.63
CA HIS B 132 11.97 -1.38 -0.55
C HIS B 132 13.18 -2.18 -1.04
N SER B 133 13.22 -2.54 -2.32
N SER B 133 13.23 -2.54 -2.32
CA SER B 133 14.35 -3.20 -2.95
CA SER B 133 14.40 -3.19 -2.93
C SER B 133 15.36 -2.21 -3.44
C SER B 133 15.30 -2.20 -3.64
N GLY B 134 15.04 -0.92 -3.44
CA GLY B 134 15.95 0.15 -3.86
C GLY B 134 15.73 0.76 -5.21
N LEU B 135 14.69 0.33 -5.90
CA LEU B 135 14.30 0.97 -7.17
C LEU B 135 13.59 2.30 -6.96
N ALA B 136 13.76 3.22 -7.90
CA ALA B 136 12.99 4.42 -8.04
C ALA B 136 11.75 3.99 -8.78
N VAL B 137 10.57 4.57 -8.49
CA VAL B 137 9.30 4.17 -9.06
C VAL B 137 8.60 5.41 -9.58
N GLU B 138 7.97 5.25 -10.71
CA GLU B 138 7.02 6.23 -11.30
C GLU B 138 5.66 5.59 -11.48
N PHE B 139 4.57 6.36 -11.37
CA PHE B 139 3.20 5.86 -11.44
C PHE B 139 2.46 6.81 -12.33
N LEU B 140 1.87 6.28 -13.40
CA LEU B 140 1.16 7.13 -14.35
C LEU B 140 -0.30 7.15 -13.95
N HIS B 141 -0.75 8.29 -13.44
CA HIS B 141 -2.06 8.35 -12.82
C HIS B 141 -3.27 8.25 -13.77
N ASP B 142 -2.99 8.47 -15.06
CA ASP B 142 -4.00 8.37 -16.09
C ASP B 142 -3.87 7.12 -16.99
N ALA B 143 -3.03 6.17 -16.53
CA ALA B 143 -2.81 4.89 -17.20
C ALA B 143 -2.99 3.72 -16.23
N THR B 144 -3.75 3.94 -15.16
CA THR B 144 -3.97 3.05 -14.06
C THR B 144 -5.45 3.23 -13.67
N GLY B 145 -5.89 2.60 -12.59
CA GLY B 145 -7.27 2.80 -12.17
C GLY B 145 -7.75 1.86 -11.07
N SER B 146 -8.96 2.16 -10.59
CA SER B 146 -9.59 1.46 -9.46
C SER B 146 -11.08 1.10 -9.72
N VAL B 147 -11.66 0.38 -8.74
CA VAL B 147 -13.06 -0.03 -8.71
C VAL B 147 -13.52 0.37 -7.32
N PRO B 148 -14.85 0.47 -7.14
CA PRO B 148 -15.39 0.71 -5.80
C PRO B 148 -15.45 -0.53 -4.97
N TYR B 149 -15.39 -0.35 -3.64
CA TYR B 149 -15.47 -1.45 -2.71
C TYR B 149 -16.45 -1.11 -1.60
N GLU B 150 -17.19 -2.11 -1.14
CA GLU B 150 -17.91 -2.04 0.13
C GLU B 150 -17.78 -3.37 0.84
N ASN B 151 -17.31 -3.32 2.09
CA ASN B 151 -17.11 -4.49 2.86
C ASN B 151 -17.30 -4.13 4.34
N SER B 152 -16.97 -5.02 5.25
CA SER B 152 -17.25 -4.76 6.64
C SER B 152 -16.47 -3.55 7.17
N ALA B 153 -15.39 -3.15 6.50
CA ALA B 153 -14.59 -2.00 6.92
C ALA B 153 -15.15 -0.65 6.46
N GLY B 154 -16.15 -0.69 5.58
CA GLY B 154 -16.75 0.51 5.04
C GLY B 154 -16.91 0.49 3.52
N PHE B 155 -17.16 1.69 2.98
N PHE B 155 -17.09 1.66 2.95
CA PHE B 155 -17.31 1.98 1.55
CA PHE B 155 -17.20 1.79 1.52
C PHE B 155 -16.21 2.94 1.08
C PHE B 155 -16.32 2.94 1.02
N ALA B 156 -15.76 2.75 -0.16
CA ALA B 156 -15.00 3.79 -0.87
C ALA B 156 -15.19 3.61 -2.37
N SER B 157 -15.43 4.72 -3.04
CA SER B 157 -15.62 4.73 -4.44
C SER B 157 -14.28 4.51 -5.20
N ALA B 158 -14.35 4.20 -6.49
CA ALA B 158 -13.12 4.08 -7.31
C ALA B 158 -12.39 5.41 -7.32
N GLU B 159 -13.07 6.53 -7.44
CA GLU B 159 -12.42 7.84 -7.43
C GLU B 159 -11.67 8.09 -6.14
N GLU B 160 -12.30 7.78 -5.01
CA GLU B 160 -11.64 7.99 -3.71
C GLU B 160 -10.38 7.11 -3.57
N ILE B 161 -10.50 5.85 -3.95
CA ILE B 161 -9.42 4.90 -3.82
C ILE B 161 -8.27 5.35 -4.72
N HIS B 162 -8.54 5.66 -5.98
CA HIS B 162 -7.47 6.04 -6.89
C HIS B 162 -6.82 7.34 -6.48
N ARG B 163 -7.59 8.33 -6.07
CA ARG B 163 -7.05 9.58 -5.65
C ARG B 163 -6.22 9.42 -4.37
N VAL B 164 -6.74 8.76 -3.37
CA VAL B 164 -6.01 8.57 -2.12
C VAL B 164 -4.68 7.87 -2.43
N PHE B 165 -4.72 6.78 -3.23
CA PHE B 165 -3.45 6.11 -3.52
C PHE B 165 -2.53 6.98 -4.35
N SER B 166 -3.03 7.78 -5.30
CA SER B 166 -2.17 8.65 -6.09
C SER B 166 -1.51 9.66 -5.17
N VAL B 167 -2.23 10.29 -4.24
CA VAL B 167 -1.68 11.26 -3.33
C VAL B 167 -0.66 10.62 -2.36
N VAL B 168 -1.00 9.48 -1.78
CA VAL B 168 -0.04 8.80 -0.91
C VAL B 168 1.22 8.33 -1.66
N LEU B 169 1.03 7.86 -2.89
CA LEU B 169 2.24 7.47 -3.63
C LEU B 169 3.11 8.67 -3.87
N GLN B 170 2.56 9.82 -4.24
CA GLN B 170 3.38 11.03 -4.51
C GLN B 170 4.09 11.50 -3.26
N SER B 171 3.47 11.25 -2.10
CA SER B 171 4.07 11.70 -0.83
C SER B 171 5.34 10.96 -0.44
N ARG B 172 5.62 9.78 -1.01
CA ARG B 172 6.75 8.97 -0.52
C ARG B 172 7.30 7.88 -1.44
N PHE B 173 6.41 7.26 -2.21
CA PHE B 173 6.78 6.01 -2.90
C PHE B 173 7.10 6.15 -4.39
N ALA B 174 6.51 7.11 -5.09
CA ALA B 174 6.69 7.19 -6.54
C ALA B 174 6.62 8.62 -7.01
N ALA B 175 7.16 8.88 -8.21
CA ALA B 175 6.89 10.09 -8.95
C ALA B 175 5.59 9.83 -9.72
N VAL B 176 4.50 10.51 -9.33
CA VAL B 176 3.18 10.39 -9.95
C VAL B 176 3.04 11.45 -11.04
N ALA B 177 2.76 11.03 -12.25
CA ALA B 177 2.71 11.90 -13.39
C ALA B 177 1.72 11.44 -14.42
N SER B 178 1.37 12.31 -15.36
CA SER B 178 0.53 11.93 -16.48
C SER B 178 1.37 11.19 -17.52
N THR B 179 0.66 10.48 -18.40
CA THR B 179 1.33 9.81 -19.48
C THR B 179 2.13 10.80 -20.33
N ASP B 180 1.54 11.94 -20.65
CA ASP B 180 2.29 12.96 -21.43
C ASP B 180 3.55 13.44 -20.74
N GLU B 181 3.46 13.67 -19.43
CA GLU B 181 4.65 14.09 -18.70
C GLU B 181 5.75 13.00 -18.71
N TRP B 182 5.32 11.74 -18.61
CA TRP B 182 6.28 10.66 -18.67
C TRP B 182 6.91 10.55 -20.06
N ILE B 183 6.09 10.61 -21.10
CA ILE B 183 6.63 10.56 -22.46
C ILE B 183 7.67 11.67 -22.66
N ALA B 184 7.37 12.86 -22.19
CA ALA B 184 8.32 14.00 -22.30
C ALA B 184 9.61 13.74 -21.55
N ALA B 185 9.52 13.15 -20.36
CA ALA B 185 10.69 12.81 -19.55
C ALA B 185 11.55 11.73 -20.20
N VAL B 186 10.92 10.77 -20.83
CA VAL B 186 11.63 9.70 -21.58
C VAL B 186 12.34 10.32 -22.80
N GLN B 187 11.64 11.18 -23.54
CA GLN B 187 12.21 11.83 -24.75
C GLN B 187 13.37 12.75 -24.36
N GLY B 188 13.25 13.41 -23.21
CA GLY B 188 14.29 14.29 -22.66
C GLY B 188 15.36 13.68 -21.79
N GLY B 189 15.24 12.39 -21.50
CA GLY B 189 16.13 11.70 -20.56
C GLY B 189 16.18 12.28 -19.15
N THR B 190 15.05 12.75 -18.63
CA THR B 190 15.02 13.35 -17.29
C THR B 190 14.16 12.54 -16.30
N PRO B 191 14.41 12.71 -15.01
CA PRO B 191 13.56 12.06 -13.99
C PRO B 191 12.28 12.83 -13.81
N LEU B 192 11.36 12.25 -13.06
CA LEU B 192 10.10 12.92 -12.70
C LEU B 192 10.14 13.29 -11.23
N ALA B 193 9.38 14.32 -10.88
CA ALA B 193 9.32 14.85 -9.51
C ALA B 193 8.62 13.99 -8.48
N ARG B 194 9.25 13.89 -7.31
CA ARG B 194 8.69 13.19 -6.15
C ARG B 194 8.35 14.16 -5.04
N GLY B 195 7.25 13.92 -4.35
CA GLY B 195 6.88 14.69 -3.17
C GLY B 195 7.50 14.10 -1.92
N ASN B 196 7.05 14.58 -0.78
CA ASN B 196 7.56 14.13 0.48
C ASN B 196 6.47 14.35 1.53
N ILE B 197 6.56 13.57 2.60
CA ILE B 197 5.55 13.49 3.62
C ILE B 197 5.32 14.80 4.36
N TYR B 198 6.40 15.43 4.77
CA TYR B 198 6.27 16.69 5.50
C TYR B 198 5.64 17.81 4.68
N ALA B 199 6.11 17.99 3.44
CA ALA B 199 5.47 18.96 2.55
C ALA B 199 4.00 18.66 2.26
N SER B 200 3.69 17.37 2.08
CA SER B 200 2.33 16.99 1.72
C SER B 200 1.42 17.34 2.89
N ASN B 201 1.87 17.02 4.10
CA ASN B 201 1.03 17.28 5.28
C ASN B 201 0.89 18.78 5.56
N GLN B 202 1.98 19.51 5.41
N GLN B 202 2.00 19.50 5.41
CA GLN B 202 1.91 20.97 5.61
CA GLN B 202 2.00 20.97 5.51
C GLN B 202 0.95 21.67 4.64
C GLN B 202 0.93 21.62 4.66
N LYS B 203 0.94 21.29 3.37
CA LYS B 203 0.03 21.91 2.42
C LYS B 203 -1.44 21.62 2.76
N ALA B 204 -1.72 20.41 3.22
CA ALA B 204 -3.09 20.07 3.60
C ALA B 204 -3.52 20.81 4.86
N ARG B 205 -2.60 20.92 5.81
CA ARG B 205 -2.94 21.56 7.08
CA ARG B 205 -2.92 21.58 7.08
C ARG B 205 -3.25 23.05 6.89
N ALA B 206 -2.67 23.66 5.86
CA ALA B 206 -2.93 25.08 5.55
C ALA B 206 -4.42 25.38 5.20
N ARG B 207 -5.18 24.35 4.86
CA ARG B 207 -6.64 24.55 4.58
C ARG B 207 -7.42 25.01 5.82
N ARG B 208 -6.88 24.78 7.00
CA ARG B 208 -7.54 25.28 8.22
C ARG B 208 -7.59 26.83 8.27
N ALA B 209 -6.55 27.45 7.69
CA ALA B 209 -6.56 28.90 7.45
C ALA B 209 -6.65 29.64 8.78
N THR B 210 -5.98 29.13 9.82
CA THR B 210 -6.00 29.76 11.14
C THR B 210 -5.47 31.21 11.09
#